data_6U8G
#
_entry.id   6U8G
#
_cell.length_a   58.712
_cell.length_b   48.979
_cell.length_c   114.152
_cell.angle_alpha   90.000
_cell.angle_beta   101.662
_cell.angle_gamma   90.000
#
_symmetry.space_group_name_H-M   'P 1 21 1'
#
loop_
_entity.id
_entity.type
_entity.pdbx_description
1 polymer 'Bromodomain-containing protein 4'
2 polymer 'cyclic peptide 3.1_2_AcK7toA'
3 water water
#
loop_
_entity_poly.entity_id
_entity_poly.type
_entity_poly.pdbx_seq_one_letter_code
_entity_poly.pdbx_strand_id
1 'polypeptide(L)'
;QGPLGSSTNPPPPETSNPNKPKRQTNQLQYLLRVVLKTLWKHQFAWPFQQPVDAVKLNLPDYYKIIKTPMDMGTIKKRLE
NNYYWNAQECIQDFNTMFTNCYIYNKPGDDIVLMAEALEKLFLQKINELPTEEPEFPGRLERPHRD
;
A,B,C,D
2 'polypeptide(L)' (ACE)WKTI(ALY)GATWRT(ALY)QC(NH2) E,F
#
loop_
_chem_comp.id
_chem_comp.type
_chem_comp.name
_chem_comp.formula
ACE non-polymer 'ACETYL GROUP' 'C2 H4 O'
NH2 non-polymer 'AMINO GROUP' 'H2 N'
#
# COMPACT_ATOMS: atom_id res chain seq x y z
N SER A 7 -15.10 -24.27 5.12
CA SER A 7 -14.51 -24.81 3.89
C SER A 7 -13.49 -23.84 3.33
N THR A 8 -12.24 -23.98 3.75
CA THR A 8 -11.18 -23.05 3.41
C THR A 8 -10.29 -23.61 2.30
N ASN A 9 -9.42 -22.75 1.79
CA ASN A 9 -8.38 -23.04 0.81
C ASN A 9 -7.10 -23.47 1.50
N PRO A 10 -6.42 -24.49 0.99
CA PRO A 10 -5.17 -24.95 1.63
C PRO A 10 -4.05 -23.95 1.38
N PRO A 11 -2.95 -24.06 2.11
CA PRO A 11 -1.81 -23.17 1.88
C PRO A 11 -1.28 -23.29 0.46
N PRO A 12 -0.88 -22.19 -0.15
CA PRO A 12 -0.39 -22.25 -1.54
C PRO A 12 0.90 -23.04 -1.63
N PRO A 13 1.24 -23.55 -2.82
CA PRO A 13 2.48 -24.30 -2.96
C PRO A 13 3.69 -23.44 -2.66
N GLU A 14 4.75 -24.08 -2.20
CA GLU A 14 5.96 -23.37 -1.83
C GLU A 14 6.61 -22.73 -3.07
N THR A 15 7.28 -21.61 -2.84
CA THR A 15 8.02 -20.91 -3.88
C THR A 15 9.51 -20.75 -3.52
N SER A 16 9.98 -21.48 -2.52
CA SER A 16 11.35 -21.41 -2.05
C SER A 16 11.60 -22.59 -1.13
N ASN A 17 12.86 -23.03 -1.07
CA ASN A 17 13.23 -24.14 -0.21
C ASN A 17 14.75 -24.16 0.01
N PRO A 18 15.21 -23.99 1.26
CA PRO A 18 16.66 -24.03 1.50
C PRO A 18 17.27 -25.40 1.28
N ASN A 19 16.50 -26.48 1.37
CA ASN A 19 17.00 -27.82 1.13
C ASN A 19 16.99 -28.21 -0.34
N LYS A 20 16.42 -27.37 -1.21
CA LYS A 20 16.33 -27.69 -2.62
C LYS A 20 17.43 -26.97 -3.39
N PRO A 21 18.22 -27.67 -4.20
CA PRO A 21 19.33 -27.02 -4.91
C PRO A 21 18.81 -26.02 -5.94
N LYS A 22 19.18 -24.75 -5.75
CA LYS A 22 18.79 -23.71 -6.69
C LYS A 22 19.75 -23.69 -7.88
N ARG A 23 19.26 -23.20 -9.01
CA ARG A 23 20.05 -23.15 -10.23
C ARG A 23 19.44 -22.11 -11.16
N GLN A 24 20.15 -21.84 -12.26
CA GLN A 24 19.70 -20.83 -13.21
C GLN A 24 20.41 -21.09 -14.53
N THR A 25 19.68 -21.63 -15.51
CA THR A 25 20.24 -22.03 -16.80
C THR A 25 19.71 -21.12 -17.91
N ASN A 26 20.22 -21.34 -19.12
CA ASN A 26 19.75 -20.59 -20.28
C ASN A 26 18.28 -20.89 -20.57
N GLN A 27 17.87 -22.15 -20.40
CA GLN A 27 16.50 -22.54 -20.70
C GLN A 27 15.53 -21.96 -19.66
N LEU A 28 15.92 -21.97 -18.39
CA LEU A 28 15.04 -21.42 -17.35
C LEU A 28 14.87 -19.92 -17.51
N GLN A 29 15.92 -19.22 -17.93
CA GLN A 29 15.78 -17.79 -18.22
C GLN A 29 14.80 -17.57 -19.38
N TYR A 30 14.80 -18.48 -20.36
CA TYR A 30 13.87 -18.37 -21.48
C TYR A 30 12.44 -18.64 -21.01
N LEU A 31 12.26 -19.60 -20.10
CA LEU A 31 10.93 -19.92 -19.62
C LEU A 31 10.28 -18.75 -18.89
N LEU A 32 11.09 -17.94 -18.20
CA LEU A 32 10.54 -16.83 -17.43
C LEU A 32 10.25 -15.62 -18.30
N ARG A 33 11.17 -15.26 -19.19
CA ARG A 33 11.04 -14.03 -19.96
C ARG A 33 10.36 -14.20 -21.30
N VAL A 34 10.17 -15.44 -21.77
CA VAL A 34 9.55 -15.64 -23.08
C VAL A 34 8.28 -16.48 -22.95
N VAL A 35 8.43 -17.71 -22.43
CA VAL A 35 7.30 -18.63 -22.38
C VAL A 35 6.23 -18.12 -21.42
N LEU A 36 6.61 -17.92 -20.15
CA LEU A 36 5.64 -17.48 -19.16
C LEU A 36 5.17 -16.06 -19.42
N LYS A 37 6.01 -15.24 -20.07
CA LYS A 37 5.65 -13.85 -20.33
C LYS A 37 4.44 -13.77 -21.26
N THR A 38 4.48 -14.49 -22.38
CA THR A 38 3.39 -14.40 -23.35
C THR A 38 2.12 -15.07 -22.83
N LEU A 39 2.25 -16.11 -22.01
CA LEU A 39 1.07 -16.74 -21.41
C LEU A 39 0.44 -15.84 -20.37
N TRP A 40 1.26 -15.12 -19.60
CA TRP A 40 0.74 -14.24 -18.56
C TRP A 40 -0.05 -13.08 -19.15
N LYS A 41 0.33 -12.61 -20.33
CA LYS A 41 -0.34 -11.48 -20.98
C LYS A 41 -1.54 -11.90 -21.82
N HIS A 42 -1.80 -13.20 -21.95
CA HIS A 42 -2.92 -13.66 -22.76
C HIS A 42 -4.24 -13.28 -22.12
N GLN A 43 -5.27 -13.14 -22.96
CA GLN A 43 -6.59 -12.74 -22.48
C GLN A 43 -7.25 -13.81 -21.63
N PHE A 44 -6.84 -15.07 -21.77
CA PHE A 44 -7.41 -16.17 -21.00
C PHE A 44 -6.55 -16.57 -19.80
N ALA A 45 -5.61 -15.72 -19.40
CA ALA A 45 -4.68 -16.06 -18.35
C ALA A 45 -5.24 -15.82 -16.95
N TRP A 46 -6.21 -14.94 -16.80
CA TRP A 46 -6.64 -14.53 -15.47
C TRP A 46 -7.15 -15.66 -14.57
N PRO A 47 -7.79 -16.73 -15.05
CA PRO A 47 -8.18 -17.81 -14.13
C PRO A 47 -7.03 -18.68 -13.68
N PHE A 48 -5.82 -18.49 -14.23
CA PHE A 48 -4.69 -19.34 -13.93
C PHE A 48 -3.53 -18.60 -13.28
N GLN A 49 -3.63 -17.29 -13.09
CA GLN A 49 -2.56 -16.50 -12.51
C GLN A 49 -2.45 -16.65 -11.00
N GLN A 50 -3.47 -17.19 -10.35
CA GLN A 50 -3.50 -17.38 -8.90
C GLN A 50 -3.93 -18.80 -8.61
N PRO A 51 -3.64 -19.30 -7.41
CA PRO A 51 -4.17 -20.61 -7.02
C PRO A 51 -5.69 -20.62 -7.08
N VAL A 52 -6.25 -21.80 -7.37
CA VAL A 52 -7.69 -21.92 -7.50
C VAL A 52 -8.35 -21.54 -6.19
N ASP A 53 -9.21 -20.52 -6.23
CA ASP A 53 -9.92 -20.04 -5.06
C ASP A 53 -11.25 -20.79 -4.98
N ALA A 54 -11.22 -21.97 -4.37
CA ALA A 54 -12.42 -22.79 -4.25
C ALA A 54 -13.48 -22.14 -3.37
N VAL A 55 -13.10 -21.17 -2.53
CA VAL A 55 -14.08 -20.50 -1.68
C VAL A 55 -14.93 -19.54 -2.52
N LYS A 56 -14.27 -18.67 -3.30
CA LYS A 56 -15.01 -17.73 -4.14
C LYS A 56 -15.80 -18.44 -5.24
N LEU A 57 -15.28 -19.54 -5.76
CA LEU A 57 -15.96 -20.28 -6.81
C LEU A 57 -17.05 -21.20 -6.27
N ASN A 58 -17.21 -21.30 -4.95
CA ASN A 58 -18.20 -22.18 -4.33
C ASN A 58 -18.00 -23.63 -4.76
N LEU A 59 -16.73 -24.07 -4.80
CA LEU A 59 -16.39 -25.43 -5.19
C LEU A 59 -15.78 -26.15 -3.99
N PRO A 60 -16.59 -26.78 -3.13
CA PRO A 60 -16.02 -27.48 -1.97
C PRO A 60 -15.30 -28.76 -2.33
N ASP A 61 -15.37 -29.22 -3.58
CA ASP A 61 -14.82 -30.50 -3.99
C ASP A 61 -13.51 -30.37 -4.75
N TYR A 62 -13.04 -29.16 -5.04
CA TYR A 62 -11.84 -29.00 -5.86
C TYR A 62 -10.63 -29.61 -5.15
N TYR A 63 -10.33 -29.14 -3.94
CA TYR A 63 -9.19 -29.67 -3.20
C TYR A 63 -9.47 -31.01 -2.55
N LYS A 64 -10.69 -31.53 -2.68
CA LYS A 64 -10.96 -32.93 -2.37
C LYS A 64 -10.49 -33.85 -3.49
N ILE A 65 -10.34 -33.31 -4.70
CA ILE A 65 -9.89 -34.09 -5.86
C ILE A 65 -8.46 -33.74 -6.24
N ILE A 66 -8.16 -32.45 -6.40
CA ILE A 66 -6.83 -31.99 -6.77
C ILE A 66 -6.00 -31.85 -5.49
N LYS A 67 -4.97 -32.67 -5.36
CA LYS A 67 -4.08 -32.64 -4.21
C LYS A 67 -2.74 -31.98 -4.50
N THR A 68 -2.41 -31.75 -5.77
CA THR A 68 -1.17 -31.06 -6.16
C THR A 68 -1.55 -29.89 -7.06
N PRO A 69 -2.06 -28.81 -6.50
CA PRO A 69 -2.46 -27.66 -7.32
C PRO A 69 -1.25 -26.93 -7.87
N MET A 70 -1.48 -26.19 -8.95
CA MET A 70 -0.45 -25.38 -9.55
C MET A 70 -1.09 -24.23 -10.31
N ASP A 71 -0.41 -23.08 -10.32
CA ASP A 71 -0.89 -21.90 -11.01
C ASP A 71 0.30 -21.15 -11.57
N MET A 72 0.01 -20.22 -12.50
CA MET A 72 1.08 -19.42 -13.10
C MET A 72 1.75 -18.52 -12.08
N GLY A 73 1.02 -18.06 -11.07
CA GLY A 73 1.63 -17.23 -10.05
C GLY A 73 2.69 -17.97 -9.25
N THR A 74 2.43 -19.24 -8.95
CA THR A 74 3.44 -20.05 -8.27
C THR A 74 4.63 -20.32 -9.19
N ILE A 75 4.36 -20.72 -10.44
CA ILE A 75 5.44 -20.99 -11.39
C ILE A 75 6.27 -19.74 -11.62
N LYS A 76 5.61 -18.58 -11.75
CA LYS A 76 6.35 -17.35 -12.00
C LYS A 76 7.24 -16.99 -10.81
N LYS A 77 6.71 -17.12 -9.59
CA LYS A 77 7.51 -16.82 -8.41
C LYS A 77 8.64 -17.82 -8.23
N ARG A 78 8.41 -19.09 -8.61
CA ARG A 78 9.47 -20.08 -8.52
C ARG A 78 10.59 -19.78 -9.52
N LEU A 79 10.23 -19.34 -10.72
CA LEU A 79 11.26 -18.96 -11.69
C LEU A 79 12.04 -17.74 -11.23
N GLU A 80 11.36 -16.76 -10.64
CA GLU A 80 12.02 -15.55 -10.17
C GLU A 80 12.98 -15.84 -9.02
N ASN A 81 12.77 -16.90 -8.25
CA ASN A 81 13.62 -17.24 -7.12
C ASN A 81 14.61 -18.35 -7.44
N ASN A 82 14.76 -18.73 -8.72
CA ASN A 82 15.66 -19.80 -9.13
C ASN A 82 15.34 -21.10 -8.39
N TYR A 83 14.03 -21.41 -8.30
CA TYR A 83 13.60 -22.57 -7.54
C TYR A 83 13.97 -23.88 -8.22
N TYR A 84 13.84 -23.93 -9.55
CA TYR A 84 14.04 -25.18 -10.27
C TYR A 84 15.52 -25.46 -10.51
N TRP A 85 15.82 -26.72 -10.80
CA TRP A 85 17.16 -27.12 -11.19
C TRP A 85 17.35 -27.14 -12.70
N ASN A 86 16.30 -27.41 -13.46
CA ASN A 86 16.39 -27.36 -14.92
C ASN A 86 15.02 -27.03 -15.50
N ALA A 87 14.99 -26.87 -16.82
CA ALA A 87 13.74 -26.49 -17.48
C ALA A 87 12.70 -27.59 -17.37
N GLN A 88 13.12 -28.86 -17.30
CA GLN A 88 12.17 -29.96 -17.23
C GLN A 88 11.29 -29.86 -15.98
N GLU A 89 11.88 -29.46 -14.85
CA GLU A 89 11.10 -29.32 -13.63
C GLU A 89 10.05 -28.23 -13.77
N CYS A 90 10.41 -27.10 -14.37
CA CYS A 90 9.44 -26.02 -14.56
C CYS A 90 8.34 -26.42 -15.53
N ILE A 91 8.71 -27.10 -16.62
CA ILE A 91 7.72 -27.52 -17.62
C ILE A 91 6.69 -28.45 -16.99
N GLN A 92 7.13 -29.31 -16.07
CA GLN A 92 6.19 -30.22 -15.42
C GLN A 92 5.17 -29.48 -14.57
N ASP A 93 5.56 -28.37 -13.96
CA ASP A 93 4.60 -27.54 -13.22
C ASP A 93 3.53 -26.99 -14.14
N PHE A 94 3.93 -26.54 -15.34
CA PHE A 94 2.96 -26.09 -16.33
C PHE A 94 1.99 -27.21 -16.69
N ASN A 95 2.52 -28.40 -16.98
CA ASN A 95 1.67 -29.54 -17.31
C ASN A 95 0.74 -29.91 -16.15
N THR A 96 1.25 -29.82 -14.92
CA THR A 96 0.41 -30.04 -13.75
C THR A 96 -0.76 -29.05 -13.73
N MET A 97 -0.47 -27.78 -14.00
CA MET A 97 -1.53 -26.76 -14.05
C MET A 97 -2.56 -27.09 -15.12
N PHE A 98 -2.10 -27.57 -16.28
CA PHE A 98 -3.04 -27.91 -17.36
C PHE A 98 -3.82 -29.18 -17.03
N THR A 99 -3.12 -30.24 -16.61
CA THR A 99 -3.78 -31.51 -16.38
C THR A 99 -4.79 -31.43 -15.24
N ASN A 100 -4.50 -30.64 -14.21
CA ASN A 100 -5.46 -30.46 -13.13
C ASN A 100 -6.76 -29.86 -13.65
N CYS A 101 -6.67 -28.93 -14.62
CA CYS A 101 -7.88 -28.33 -15.16
C CYS A 101 -8.64 -29.31 -16.04
N TYR A 102 -7.93 -30.11 -16.85
CA TYR A 102 -8.59 -31.08 -17.70
C TYR A 102 -9.21 -32.21 -16.90
N ILE A 103 -8.63 -32.54 -15.74
CA ILE A 103 -9.14 -33.63 -14.92
C ILE A 103 -10.37 -33.18 -14.15
N TYR A 104 -10.38 -31.94 -13.67
CA TYR A 104 -11.45 -31.50 -12.77
C TYR A 104 -12.68 -31.01 -13.54
N ASN A 105 -12.49 -30.52 -14.76
CA ASN A 105 -13.59 -29.91 -15.52
C ASN A 105 -13.92 -30.76 -16.74
N LYS A 106 -15.10 -30.49 -17.30
CA LYS A 106 -15.60 -31.24 -18.45
C LYS A 106 -14.93 -30.74 -19.73
N PRO A 107 -14.73 -31.63 -20.71
CA PRO A 107 -13.97 -31.25 -21.91
C PRO A 107 -14.56 -30.11 -22.72
N GLY A 108 -15.78 -29.67 -22.41
CA GLY A 108 -16.39 -28.59 -23.18
C GLY A 108 -16.54 -27.30 -22.40
N ASP A 109 -16.15 -27.31 -21.12
CA ASP A 109 -16.32 -26.14 -20.27
C ASP A 109 -15.45 -25.00 -20.76
N ASP A 110 -15.87 -23.77 -20.41
CA ASP A 110 -15.12 -22.59 -20.82
C ASP A 110 -13.72 -22.59 -20.24
N ILE A 111 -13.56 -23.03 -18.99
CA ILE A 111 -12.24 -23.04 -18.36
C ILE A 111 -11.32 -24.01 -19.08
N VAL A 112 -11.87 -25.07 -19.68
CA VAL A 112 -11.05 -26.00 -20.44
C VAL A 112 -10.69 -25.40 -21.81
N LEU A 113 -11.64 -24.74 -22.46
CA LEU A 113 -11.35 -24.08 -23.72
C LEU A 113 -10.33 -22.96 -23.54
N MET A 114 -10.32 -22.32 -22.37
CA MET A 114 -9.30 -21.32 -22.09
C MET A 114 -7.95 -21.96 -21.78
N ALA A 115 -7.96 -23.10 -21.07
CA ALA A 115 -6.71 -23.78 -20.75
C ALA A 115 -6.09 -24.39 -22.02
N GLU A 116 -6.92 -24.93 -22.91
CA GLU A 116 -6.38 -25.51 -24.14
C GLU A 116 -5.75 -24.44 -25.02
N ALA A 117 -6.31 -23.23 -25.04
CA ALA A 117 -5.72 -22.14 -25.81
C ALA A 117 -4.35 -21.76 -25.25
N LEU A 118 -4.24 -21.73 -23.92
CA LEU A 118 -2.95 -21.40 -23.30
C LEU A 118 -1.93 -22.51 -23.54
N GLU A 119 -2.37 -23.77 -23.51
CA GLU A 119 -1.43 -24.88 -23.67
C GLU A 119 -0.88 -24.93 -25.10
N LYS A 120 -1.71 -24.60 -26.09
CA LYS A 120 -1.22 -24.58 -27.47
C LYS A 120 -0.17 -23.50 -27.68
N LEU A 121 -0.42 -22.30 -27.15
CA LEU A 121 0.61 -21.25 -27.18
C LEU A 121 1.82 -21.66 -26.36
N PHE A 122 1.62 -22.43 -25.30
CA PHE A 122 2.74 -22.93 -24.51
C PHE A 122 3.61 -23.87 -25.34
N LEU A 123 2.98 -24.79 -26.08
CA LEU A 123 3.74 -25.75 -26.87
C LEU A 123 4.43 -25.08 -28.06
N GLN A 124 3.92 -23.95 -28.53
CA GLN A 124 4.59 -23.22 -29.60
C GLN A 124 5.91 -22.63 -29.12
N LYS A 125 5.90 -22.01 -27.94
CA LYS A 125 7.13 -21.41 -27.42
C LYS A 125 8.11 -22.46 -26.92
N ILE A 126 7.61 -23.58 -26.42
CA ILE A 126 8.50 -24.64 -25.93
C ILE A 126 9.27 -25.27 -27.10
N ASN A 127 8.64 -25.38 -28.27
CA ASN A 127 9.34 -25.92 -29.43
C ASN A 127 10.54 -25.08 -29.82
N GLU A 128 10.57 -23.81 -29.44
CA GLU A 128 11.70 -22.93 -29.68
C GLU A 128 12.56 -22.73 -28.44
N LEU A 129 12.55 -23.71 -27.53
CA LEU A 129 13.36 -23.60 -26.32
C LEU A 129 14.84 -23.70 -26.68
N PRO A 130 15.68 -22.77 -26.23
CA PRO A 130 17.09 -22.79 -26.62
C PRO A 130 17.83 -23.99 -26.04
N THR A 131 18.98 -24.28 -26.64
CA THR A 131 19.85 -25.33 -26.14
C THR A 131 20.62 -24.85 -24.93
N GLU A 132 20.93 -25.78 -24.03
CA GLU A 132 21.65 -25.45 -22.80
C GLU A 132 23.08 -25.02 -23.09
N SER B 7 -16.20 27.40 29.18
CA SER B 7 -14.87 26.82 29.34
C SER B 7 -14.70 25.64 28.38
N THR B 8 -15.06 25.86 27.12
CA THR B 8 -15.06 24.82 26.10
C THR B 8 -14.11 25.18 24.97
N ASN B 9 -13.93 24.22 24.05
CA ASN B 9 -13.10 24.34 22.86
C ASN B 9 -13.94 24.79 21.67
N PRO B 10 -13.42 25.71 20.87
CA PRO B 10 -14.13 26.12 19.65
C PRO B 10 -14.04 25.02 18.60
N PRO B 11 -14.87 25.09 17.54
CA PRO B 11 -14.78 24.08 16.49
C PRO B 11 -13.45 24.16 15.77
N PRO B 12 -12.96 23.05 15.24
CA PRO B 12 -11.63 23.05 14.61
C PRO B 12 -11.65 23.83 13.31
N PRO B 13 -10.48 24.25 12.82
CA PRO B 13 -10.44 24.96 11.55
C PRO B 13 -10.96 24.11 10.41
N GLU B 14 -11.51 24.76 9.39
CA GLU B 14 -12.08 24.04 8.26
C GLU B 14 -11.00 23.27 7.52
N THR B 15 -11.37 22.09 7.02
CA THR B 15 -10.48 21.27 6.22
C THR B 15 -11.00 21.08 4.80
N SER B 16 -12.14 21.67 4.46
CA SER B 16 -12.72 21.56 3.13
C SER B 16 -13.56 22.80 2.87
N ASN B 17 -13.52 23.27 1.63
CA ASN B 17 -14.28 24.45 1.24
C ASN B 17 -14.62 24.38 -0.25
N PRO B 18 -15.90 24.20 -0.59
CA PRO B 18 -16.27 24.13 -2.01
C PRO B 18 -16.05 25.43 -2.77
N ASN B 19 -15.84 26.54 -2.07
CA ASN B 19 -15.61 27.84 -2.70
C ASN B 19 -14.14 28.20 -2.80
N LYS B 20 -13.24 27.33 -2.31
CA LYS B 20 -11.81 27.58 -2.44
C LYS B 20 -11.23 26.68 -3.52
N PRO B 21 -10.44 27.21 -4.44
CA PRO B 21 -9.88 26.37 -5.51
C PRO B 21 -8.95 25.30 -4.97
N LYS B 22 -9.20 24.07 -5.37
CA LYS B 22 -8.39 22.91 -4.96
C LYS B 22 -7.37 22.61 -6.03
N ARG B 23 -6.14 22.31 -5.59
CA ARG B 23 -5.06 22.01 -6.52
C ARG B 23 -4.13 20.97 -5.92
N GLN B 24 -3.38 20.30 -6.79
CA GLN B 24 -2.42 19.28 -6.37
C GLN B 24 -1.13 19.50 -7.16
N THR B 25 -0.06 19.85 -6.45
CA THR B 25 1.25 20.05 -7.05
C THR B 25 2.25 19.08 -6.44
N ASN B 26 3.38 18.91 -7.13
CA ASN B 26 4.43 18.04 -6.62
C ASN B 26 5.00 18.57 -5.31
N GLN B 27 4.98 19.89 -5.12
CA GLN B 27 5.41 20.46 -3.84
C GLN B 27 4.46 20.07 -2.72
N LEU B 28 3.15 20.15 -2.97
CA LEU B 28 2.18 19.71 -1.97
C LEU B 28 2.26 18.20 -1.75
N GLN B 29 2.55 17.43 -2.79
CA GLN B 29 2.81 16.00 -2.60
C GLN B 29 4.01 15.78 -1.70
N TYR B 30 5.09 16.55 -1.93
CA TYR B 30 6.27 16.42 -1.09
C TYR B 30 6.01 16.85 0.34
N LEU B 31 5.19 17.89 0.52
CA LEU B 31 4.86 18.37 1.86
C LEU B 31 4.08 17.33 2.65
N LEU B 32 3.25 16.53 1.98
CA LEU B 32 2.44 15.55 2.68
C LEU B 32 3.24 14.28 2.97
N ARG B 33 3.88 13.71 1.95
CA ARG B 33 4.47 12.39 2.04
C ARG B 33 5.94 12.41 2.45
N VAL B 34 6.51 13.58 2.71
CA VAL B 34 7.91 13.66 3.16
C VAL B 34 8.01 14.58 4.37
N VAL B 35 7.62 15.84 4.20
CA VAL B 35 7.80 16.84 5.26
C VAL B 35 6.91 16.51 6.45
N LEU B 36 5.60 16.48 6.24
CA LEU B 36 4.68 16.24 7.35
C LEU B 36 4.82 14.82 7.90
N LYS B 37 5.13 13.85 7.05
CA LYS B 37 5.30 12.48 7.51
C LYS B 37 6.47 12.37 8.49
N THR B 38 7.57 13.06 8.20
CA THR B 38 8.71 13.03 9.11
C THR B 38 8.40 13.73 10.43
N LEU B 39 7.70 14.86 10.37
CA LEU B 39 7.33 15.57 11.60
C LEU B 39 6.32 14.78 12.41
N TRP B 40 5.35 14.14 11.73
CA TRP B 40 4.31 13.41 12.44
C TRP B 40 4.88 12.23 13.22
N LYS B 41 5.87 11.55 12.66
CA LYS B 41 6.46 10.36 13.27
C LYS B 41 7.56 10.71 14.27
N HIS B 42 7.78 11.99 14.56
CA HIS B 42 8.79 12.39 15.52
C HIS B 42 8.32 12.11 16.94
N GLN B 43 9.30 11.97 17.85
CA GLN B 43 8.98 11.69 19.24
C GLN B 43 8.30 12.86 19.94
N PHE B 44 8.46 14.08 19.42
CA PHE B 44 7.88 15.27 20.01
C PHE B 44 6.63 15.73 19.28
N ALA B 45 6.01 14.85 18.49
CA ALA B 45 4.91 15.25 17.62
C ALA B 45 3.55 15.16 18.28
N TRP B 46 3.42 14.42 19.38
CA TRP B 46 2.10 14.18 19.95
C TRP B 46 1.35 15.44 20.40
N PRO B 47 1.98 16.47 20.97
CA PRO B 47 1.20 17.65 21.39
C PRO B 47 0.70 18.51 20.23
N PHE B 48 1.14 18.25 19.00
CA PHE B 48 0.77 19.07 17.86
C PHE B 48 -0.06 18.33 16.83
N GLN B 49 -0.35 17.05 17.04
CA GLN B 49 -1.11 16.26 16.07
C GLN B 49 -2.59 16.59 16.07
N GLN B 50 -3.08 17.31 17.07
CA GLN B 50 -4.50 17.61 17.22
C GLN B 50 -4.64 19.05 17.68
N PRO B 51 -5.80 19.67 17.44
CA PRO B 51 -6.02 21.03 17.94
C PRO B 51 -5.85 21.10 19.45
N VAL B 52 -5.36 22.25 19.91
CA VAL B 52 -5.04 22.41 21.33
C VAL B 52 -6.30 22.25 22.16
N ASP B 53 -6.31 21.24 23.01
CA ASP B 53 -7.46 20.95 23.88
C ASP B 53 -7.31 21.79 25.14
N ALA B 54 -7.93 22.97 25.13
CA ALA B 54 -7.90 23.83 26.31
C ALA B 54 -8.67 23.23 27.47
N VAL B 55 -9.61 22.33 27.21
CA VAL B 55 -10.37 21.70 28.28
C VAL B 55 -9.50 20.72 29.05
N LYS B 56 -8.77 19.86 28.33
CA LYS B 56 -7.90 18.89 28.99
C LYS B 56 -6.72 19.57 29.67
N LEU B 57 -6.09 20.52 28.98
CA LEU B 57 -4.93 21.21 29.53
C LEU B 57 -5.30 22.22 30.61
N ASN B 58 -6.58 22.44 30.85
CA ASN B 58 -7.05 23.38 31.88
C ASN B 58 -6.49 24.78 31.65
N LEU B 59 -6.60 25.27 30.41
CA LEU B 59 -6.13 26.59 30.02
C LEU B 59 -7.29 27.36 29.42
N PRO B 60 -8.08 28.07 30.23
CA PRO B 60 -9.18 28.88 29.69
C PRO B 60 -8.71 30.12 28.95
N ASP B 61 -7.41 30.36 28.84
CA ASP B 61 -6.88 31.55 28.22
C ASP B 61 -6.28 31.31 26.83
N TYR B 62 -6.17 30.06 26.40
CA TYR B 62 -5.53 29.78 25.11
C TYR B 62 -6.29 30.42 23.97
N TYR B 63 -7.58 30.12 23.84
CA TYR B 63 -8.38 30.67 22.76
C TYR B 63 -8.84 32.09 23.02
N LYS B 64 -8.53 32.65 24.20
CA LYS B 64 -8.69 34.08 24.40
C LYS B 64 -7.54 34.87 23.78
N ILE B 65 -6.41 34.22 23.53
CA ILE B 65 -5.25 34.85 22.92
C ILE B 65 -5.07 34.39 21.47
N ILE B 66 -5.13 33.08 21.24
CA ILE B 66 -4.94 32.50 19.91
C ILE B 66 -6.30 32.42 19.23
N LYS B 67 -6.50 33.21 18.19
CA LYS B 67 -7.73 33.20 17.41
C LYS B 67 -7.58 32.46 16.08
N THR B 68 -6.37 32.00 15.75
CA THR B 68 -6.12 31.23 14.53
C THR B 68 -5.33 29.99 14.88
N PRO B 69 -5.95 29.03 15.57
CA PRO B 69 -5.23 27.81 15.94
C PRO B 69 -4.93 26.95 14.72
N MET B 70 -3.87 26.16 14.83
CA MET B 70 -3.45 25.29 13.73
C MET B 70 -2.67 24.12 14.30
N ASP B 71 -2.93 22.93 13.76
CA ASP B 71 -2.26 21.71 14.20
C ASP B 71 -1.88 20.88 12.99
N MET B 72 -1.05 19.87 13.22
CA MET B 72 -0.63 18.98 12.13
C MET B 72 -1.79 18.14 11.62
N GLY B 73 -2.77 17.85 12.48
CA GLY B 73 -3.92 17.07 12.05
C GLY B 73 -4.75 17.81 11.00
N THR B 74 -5.02 19.10 11.25
CA THR B 74 -5.73 19.90 10.26
C THR B 74 -4.93 20.01 8.97
N ILE B 75 -3.61 20.24 9.08
CA ILE B 75 -2.77 20.29 7.90
C ILE B 75 -2.79 18.95 7.17
N LYS B 76 -2.81 17.85 7.92
CA LYS B 76 -2.82 16.52 7.29
C LYS B 76 -4.10 16.32 6.49
N LYS B 77 -5.24 16.65 7.07
CA LYS B 77 -6.51 16.48 6.36
C LYS B 77 -6.63 17.45 5.19
N ARG B 78 -6.08 18.66 5.33
CA ARG B 78 -6.13 19.61 4.23
C ARG B 78 -5.27 19.15 3.05
N LEU B 79 -4.07 18.64 3.34
CA LEU B 79 -3.24 18.09 2.27
C LEU B 79 -3.91 16.88 1.62
N GLU B 80 -4.58 16.05 2.42
CA GLU B 80 -5.25 14.88 1.87
C GLU B 80 -6.46 15.25 1.04
N ASN B 81 -7.06 16.41 1.29
CA ASN B 81 -8.23 16.87 0.55
C ASN B 81 -7.90 17.86 -0.55
N ASN B 82 -6.61 18.06 -0.84
CA ASN B 82 -6.18 19.04 -1.85
C ASN B 82 -6.72 20.42 -1.53
N TYR B 83 -6.67 20.80 -0.25
CA TYR B 83 -7.28 22.04 0.19
C TYR B 83 -6.49 23.26 -0.30
N TYR B 84 -5.17 23.18 -0.29
CA TYR B 84 -4.34 24.32 -0.64
C TYR B 84 -4.24 24.48 -2.16
N TRP B 85 -3.82 25.68 -2.57
CA TRP B 85 -3.54 25.95 -3.97
C TRP B 85 -2.08 25.81 -4.34
N ASN B 86 -1.17 26.12 -3.42
CA ASN B 86 0.26 25.96 -3.67
C ASN B 86 0.95 25.62 -2.36
N ALA B 87 2.26 25.38 -2.44
CA ALA B 87 3.02 24.98 -1.25
C ALA B 87 3.11 26.12 -0.24
N GLN B 88 3.20 27.36 -0.71
CA GLN B 88 3.34 28.49 0.19
C GLN B 88 2.12 28.61 1.11
N GLU B 89 0.93 28.33 0.57
CA GLU B 89 -0.28 28.34 1.39
C GLU B 89 -0.22 27.29 2.50
N CYS B 90 0.41 26.14 2.22
CA CYS B 90 0.55 25.11 3.24
C CYS B 90 1.66 25.46 4.22
N ILE B 91 2.75 26.06 3.73
CA ILE B 91 3.85 26.45 4.61
C ILE B 91 3.37 27.44 5.66
N GLN B 92 2.43 28.33 5.29
CA GLN B 92 1.92 29.30 6.25
C GLN B 92 1.24 28.61 7.43
N ASP B 93 0.50 27.52 7.17
CA ASP B 93 -0.14 26.80 8.25
C ASP B 93 0.88 26.21 9.22
N PHE B 94 2.00 25.72 8.69
CA PHE B 94 3.09 25.24 9.55
C PHE B 94 3.64 26.38 10.40
N ASN B 95 3.93 27.52 9.78
CA ASN B 95 4.43 28.67 10.52
C ASN B 95 3.42 29.16 11.54
N THR B 96 2.13 29.12 11.18
CA THR B 96 1.09 29.49 12.14
C THR B 96 1.13 28.58 13.37
N MET B 97 1.33 27.27 13.15
CA MET B 97 1.39 26.35 14.27
C MET B 97 2.58 26.65 15.19
N PHE B 98 3.74 26.93 14.60
CA PHE B 98 4.92 27.23 15.41
C PHE B 98 4.81 28.60 16.06
N THR B 99 4.35 29.61 15.30
CA THR B 99 4.27 30.96 15.84
C THR B 99 3.29 31.04 17.00
N ASN B 100 2.15 30.34 16.90
CA ASN B 100 1.18 30.34 17.98
C ASN B 100 1.77 29.73 19.26
N CYS B 101 2.63 28.72 19.13
CA CYS B 101 3.24 28.11 20.30
C CYS B 101 4.32 29.00 20.89
N TYR B 102 5.11 29.66 20.04
CA TYR B 102 6.16 30.54 20.53
C TYR B 102 5.58 31.79 21.19
N ILE B 103 4.38 32.20 20.79
CA ILE B 103 3.77 33.41 21.34
C ILE B 103 3.05 33.11 22.65
N TYR B 104 2.38 31.96 22.73
CA TYR B 104 1.55 31.68 23.90
C TYR B 104 2.36 31.20 25.09
N ASN B 105 3.48 30.53 24.87
CA ASN B 105 4.25 29.92 25.94
C ASN B 105 5.56 30.65 26.16
N LYS B 106 6.17 30.38 27.32
CA LYS B 106 7.43 31.02 27.70
C LYS B 106 8.59 30.34 26.98
N PRO B 107 9.64 31.10 26.65
CA PRO B 107 10.72 30.55 25.82
C PRO B 107 11.40 29.32 26.39
N GLY B 108 11.39 29.15 27.71
CA GLY B 108 12.04 28.02 28.33
C GLY B 108 11.17 26.81 28.57
N ASP B 109 9.90 26.87 28.19
CA ASP B 109 8.98 25.77 28.46
C ASP B 109 9.32 24.55 27.61
N ASP B 110 8.80 23.40 28.03
CA ASP B 110 9.05 22.16 27.32
C ASP B 110 8.33 22.14 25.98
N ILE B 111 7.12 22.70 25.92
CA ILE B 111 6.35 22.69 24.68
C ILE B 111 7.04 23.52 23.61
N VAL B 112 7.79 24.55 24.00
CA VAL B 112 8.54 25.35 23.04
C VAL B 112 9.76 24.58 22.56
N LEU B 113 10.45 23.89 23.48
CA LEU B 113 11.62 23.10 23.09
C LEU B 113 11.23 21.97 22.14
N MET B 114 10.02 21.43 22.29
CA MET B 114 9.56 20.41 21.35
C MET B 114 9.19 21.02 20.00
N ALA B 115 8.63 22.23 20.02
CA ALA B 115 8.27 22.89 18.77
C ALA B 115 9.51 23.37 18.01
N GLU B 116 10.52 23.86 18.73
CA GLU B 116 11.74 24.30 18.08
C GLU B 116 12.45 23.15 17.39
N ALA B 117 12.45 21.96 18.02
CA ALA B 117 13.06 20.80 17.40
C ALA B 117 12.31 20.36 16.15
N LEU B 118 10.99 20.54 16.13
CA LEU B 118 10.21 20.18 14.96
C LEU B 118 10.42 21.19 13.83
N GLU B 119 10.45 22.49 14.17
CA GLU B 119 10.59 23.51 13.13
C GLU B 119 11.94 23.42 12.44
N LYS B 120 13.01 23.19 13.20
CA LYS B 120 14.33 23.02 12.59
C LYS B 120 14.40 21.75 11.77
N LEU B 121 13.70 20.70 12.20
CA LEU B 121 13.51 19.53 11.33
C LEU B 121 12.62 19.87 10.15
N PHE B 122 11.65 20.76 10.35
CA PHE B 122 10.79 21.21 9.26
C PHE B 122 11.59 22.00 8.23
N LEU B 123 12.37 22.98 8.68
CA LEU B 123 13.19 23.76 7.76
C LEU B 123 14.23 22.89 7.05
N GLN B 124 14.65 21.79 7.69
CA GLN B 124 15.61 20.90 7.07
C GLN B 124 15.01 20.23 5.83
N LYS B 125 13.72 19.90 5.88
CA LYS B 125 13.08 19.26 4.74
C LYS B 125 12.62 20.26 3.69
N ILE B 126 12.38 21.52 4.09
CA ILE B 126 11.89 22.51 3.14
C ILE B 126 12.97 22.90 2.15
N ASN B 127 14.23 22.92 2.58
CA ASN B 127 15.32 23.24 1.66
C ASN B 127 15.51 22.16 0.58
N GLU B 128 14.89 20.99 0.74
CA GLU B 128 14.90 19.95 -0.28
C GLU B 128 13.59 19.88 -1.04
N LEU B 129 12.77 20.93 -0.96
CA LEU B 129 11.49 20.96 -1.66
C LEU B 129 11.72 21.09 -3.16
N PRO B 130 11.22 20.17 -3.98
CA PRO B 130 11.44 20.28 -5.43
C PRO B 130 10.64 21.44 -6.02
N THR B 131 11.16 21.98 -7.11
CA THR B 131 10.46 23.03 -7.83
C THR B 131 9.27 22.44 -8.59
N GLU B 132 8.24 23.25 -8.77
CA GLU B 132 7.01 22.80 -9.41
C GLU B 132 7.23 22.45 -10.88
N THR C 25 -7.75 5.47 7.84
CA THR C 25 -7.87 4.70 6.60
C THR C 25 -8.64 3.41 6.84
N ASN C 26 -8.68 2.55 5.81
CA ASN C 26 -9.33 1.27 5.96
C ASN C 26 -8.42 0.23 6.60
N GLN C 27 -7.10 0.38 6.43
CA GLN C 27 -6.16 -0.55 7.06
C GLN C 27 -6.01 -0.27 8.55
N LEU C 28 -6.05 1.01 8.94
CA LEU C 28 -5.93 1.35 10.36
C LEU C 28 -7.14 0.89 11.15
N GLN C 29 -8.31 0.78 10.50
CA GLN C 29 -9.47 0.21 11.16
C GLN C 29 -9.44 -1.31 11.16
N TYR C 30 -8.87 -1.92 10.12
CA TYR C 30 -8.73 -3.37 10.11
C TYR C 30 -7.75 -3.83 11.19
N LEU C 31 -6.67 -3.06 11.41
CA LEU C 31 -5.73 -3.39 12.46
C LEU C 31 -6.38 -3.30 13.84
N LEU C 32 -7.33 -2.38 14.02
CA LEU C 32 -7.97 -2.17 15.31
C LEU C 32 -9.18 -3.08 15.50
N ARG C 33 -10.10 -3.10 14.53
CA ARG C 33 -11.33 -3.86 14.67
C ARG C 33 -11.14 -5.36 14.47
N VAL C 34 -10.04 -5.79 13.87
CA VAL C 34 -9.84 -7.20 13.57
C VAL C 34 -8.55 -7.71 14.19
N VAL C 35 -7.42 -7.11 13.82
CA VAL C 35 -6.11 -7.63 14.24
C VAL C 35 -5.92 -7.44 15.73
N LEU C 36 -6.00 -6.19 16.21
CA LEU C 36 -5.82 -5.94 17.63
C LEU C 36 -6.89 -6.64 18.46
N LYS C 37 -8.07 -6.85 17.89
CA LYS C 37 -9.17 -7.46 18.64
C LYS C 37 -9.03 -8.98 18.70
N THR C 38 -8.44 -9.60 17.68
CA THR C 38 -8.22 -11.04 17.71
C THR C 38 -6.97 -11.41 18.50
N LEU C 39 -6.01 -10.50 18.61
CA LEU C 39 -4.86 -10.74 19.48
C LEU C 39 -5.19 -10.49 20.94
N TRP C 40 -6.07 -9.52 21.22
CA TRP C 40 -6.44 -9.21 22.59
C TRP C 40 -7.13 -10.39 23.27
N LYS C 41 -7.83 -11.22 22.50
CA LYS C 41 -8.55 -12.36 23.02
C LYS C 41 -7.72 -13.64 23.06
N HIS C 42 -6.46 -13.59 22.61
CA HIS C 42 -5.63 -14.77 22.58
C HIS C 42 -5.33 -15.26 24.00
N GLN C 43 -5.08 -16.56 24.13
CA GLN C 43 -4.86 -17.17 25.44
C GLN C 43 -3.63 -16.59 26.13
N PHE C 44 -2.60 -16.21 25.36
CA PHE C 44 -1.37 -15.68 25.92
C PHE C 44 -1.26 -14.17 25.76
N ALA C 45 -2.39 -13.48 25.66
CA ALA C 45 -2.36 -12.05 25.39
C ALA C 45 -2.19 -11.22 26.67
N TRP C 46 -2.61 -11.75 27.82
CA TRP C 46 -2.64 -10.95 29.03
C TRP C 46 -1.30 -10.35 29.45
N PRO C 47 -0.13 -10.95 29.22
CA PRO C 47 1.12 -10.26 29.56
C PRO C 47 1.40 -9.04 28.70
N PHE C 48 0.67 -8.84 27.61
CA PHE C 48 0.97 -7.79 26.64
C PHE C 48 -0.16 -6.77 26.49
N GLN C 49 -1.19 -6.85 27.32
CA GLN C 49 -2.33 -5.95 27.21
C GLN C 49 -2.11 -4.62 27.92
N GLN C 50 -1.06 -4.49 28.71
CA GLN C 50 -0.77 -3.28 29.47
C GLN C 50 0.73 -3.05 29.48
N PRO C 51 1.17 -1.81 29.71
CA PRO C 51 2.61 -1.55 29.78
C PRO C 51 3.25 -2.32 30.91
N VAL C 52 4.55 -2.60 30.75
CA VAL C 52 5.29 -3.38 31.74
C VAL C 52 5.63 -2.48 32.93
N ASP C 53 5.19 -2.88 34.11
CA ASP C 53 5.51 -2.20 35.36
C ASP C 53 6.62 -2.99 36.02
N ALA C 54 7.87 -2.64 35.70
CA ALA C 54 9.01 -3.41 36.18
C ALA C 54 9.13 -3.37 37.70
N VAL C 55 8.69 -2.28 38.33
CA VAL C 55 8.76 -2.19 39.78
C VAL C 55 7.77 -3.17 40.42
N LYS C 56 6.53 -3.18 39.93
CA LYS C 56 5.53 -4.10 40.46
C LYS C 56 5.87 -5.54 40.08
N LEU C 57 6.19 -5.78 38.81
CA LEU C 57 6.50 -7.12 38.33
C LEU C 57 7.85 -7.63 38.80
N ASN C 58 8.62 -6.82 39.53
CA ASN C 58 9.94 -7.20 40.03
C ASN C 58 10.86 -7.60 38.89
N LEU C 59 10.96 -6.72 37.88
CA LEU C 59 11.81 -6.94 36.71
C LEU C 59 12.96 -5.94 36.75
N PRO C 60 14.11 -6.30 37.33
CA PRO C 60 15.22 -5.35 37.40
C PRO C 60 15.86 -5.14 36.02
N ASP C 61 16.40 -3.94 35.83
CA ASP C 61 17.09 -3.52 34.62
C ASP C 61 16.20 -3.55 33.38
N TYR C 62 14.88 -3.67 33.55
CA TYR C 62 13.99 -3.72 32.38
C TYR C 62 14.03 -2.41 31.60
N TYR C 63 13.83 -1.28 32.29
CA TYR C 63 13.90 0.01 31.62
C TYR C 63 15.32 0.37 31.21
N LYS C 64 16.33 -0.22 31.86
CA LYS C 64 17.71 -0.03 31.39
C LYS C 64 17.94 -0.72 30.05
N ILE C 65 17.22 -1.81 29.80
CA ILE C 65 17.40 -2.59 28.58
C ILE C 65 16.37 -2.23 27.52
N ILE C 66 15.10 -2.17 27.89
CA ILE C 66 14.03 -1.82 26.97
C ILE C 66 13.93 -0.30 26.90
N LYS C 67 14.32 0.26 25.77
CA LYS C 67 14.32 1.71 25.59
C LYS C 67 13.03 2.22 24.94
N THR C 68 12.21 1.34 24.39
CA THR C 68 10.94 1.73 23.76
C THR C 68 9.88 0.71 24.14
N PRO C 69 9.33 0.82 25.35
CA PRO C 69 8.29 -0.12 25.77
C PRO C 69 7.04 0.02 24.91
N MET C 70 6.38 -1.11 24.65
CA MET C 70 5.18 -1.10 23.84
C MET C 70 4.28 -2.26 24.28
N ASP C 71 2.97 -2.03 24.18
CA ASP C 71 1.99 -3.04 24.57
C ASP C 71 0.73 -2.82 23.74
N MET C 72 -0.12 -3.85 23.73
CA MET C 72 -1.37 -3.77 22.98
C MET C 72 -2.30 -2.70 23.53
N GLY C 73 -2.21 -2.42 24.83
CA GLY C 73 -3.03 -1.37 25.41
C GLY C 73 -2.69 0.01 24.85
N THR C 74 -1.39 0.27 24.67
CA THR C 74 -0.98 1.55 24.08
C THR C 74 -1.31 1.58 22.59
N ILE C 75 -1.09 0.46 21.89
CA ILE C 75 -1.40 0.39 20.46
C ILE C 75 -2.89 0.59 20.23
N LYS C 76 -3.72 -0.02 21.08
CA LYS C 76 -5.17 0.13 20.95
C LYS C 76 -5.58 1.59 21.12
N LYS C 77 -5.01 2.28 22.10
CA LYS C 77 -5.37 3.67 22.34
C LYS C 77 -4.87 4.58 21.24
N ARG C 78 -3.77 4.21 20.57
CA ARG C 78 -3.24 5.02 19.48
C ARG C 78 -4.05 4.85 18.21
N LEU C 79 -4.56 3.63 17.95
CA LEU C 79 -5.43 3.43 16.80
C LEU C 79 -6.76 4.15 16.98
N GLU C 80 -7.23 4.29 18.22
CA GLU C 80 -8.49 4.97 18.47
C GLU C 80 -8.37 6.48 18.39
N ASN C 81 -7.19 7.02 18.71
CA ASN C 81 -6.96 8.46 18.69
C ASN C 81 -6.25 8.93 17.43
N ASN C 82 -6.16 8.09 16.41
CA ASN C 82 -5.54 8.43 15.12
C ASN C 82 -4.12 8.97 15.33
N TYR C 83 -3.29 8.13 15.95
CA TYR C 83 -1.90 8.48 16.22
C TYR C 83 -0.97 8.09 15.08
N TYR C 84 -1.25 6.99 14.40
CA TYR C 84 -0.35 6.46 13.40
C TYR C 84 -0.52 7.16 12.06
N TRP C 85 0.61 7.34 11.36
CA TRP C 85 0.56 7.93 10.02
C TRP C 85 -0.06 6.96 9.01
N ASN C 86 0.33 5.69 9.07
CA ASN C 86 -0.21 4.67 8.19
C ASN C 86 -0.19 3.34 8.93
N ALA C 87 -0.50 2.26 8.20
CA ALA C 87 -0.56 0.94 8.82
C ALA C 87 0.84 0.42 9.18
N GLN C 88 1.86 0.78 8.40
CA GLN C 88 3.20 0.28 8.66
C GLN C 88 3.76 0.84 9.96
N GLU C 89 3.35 2.04 10.36
CA GLU C 89 3.80 2.57 11.64
C GLU C 89 3.17 1.82 12.80
N CYS C 90 1.91 1.41 12.65
CA CYS C 90 1.26 0.62 13.69
C CYS C 90 1.87 -0.79 13.77
N ILE C 91 2.18 -1.39 12.62
CA ILE C 91 2.85 -2.68 12.60
C ILE C 91 4.22 -2.59 13.26
N GLN C 92 4.88 -1.42 13.14
CA GLN C 92 6.17 -1.23 13.78
C GLN C 92 6.06 -1.33 15.30
N ASP C 93 4.94 -0.86 15.86
CA ASP C 93 4.74 -0.98 17.31
C ASP C 93 4.51 -2.42 17.72
N PHE C 94 3.83 -3.21 16.89
CA PHE C 94 3.64 -4.62 17.20
C PHE C 94 4.97 -5.36 17.20
N ASN C 95 5.81 -5.12 16.18
CA ASN C 95 7.14 -5.72 16.16
C ASN C 95 7.97 -5.24 17.35
N THR C 96 7.85 -3.96 17.69
CA THR C 96 8.57 -3.45 18.86
C THR C 96 8.12 -4.17 20.13
N MET C 97 6.82 -4.45 20.25
CA MET C 97 6.32 -5.18 21.41
C MET C 97 6.89 -6.60 21.47
N PHE C 98 6.94 -7.28 20.32
CA PHE C 98 7.49 -8.63 20.29
C PHE C 98 9.00 -8.62 20.50
N THR C 99 9.70 -7.69 19.85
CA THR C 99 11.16 -7.67 19.95
C THR C 99 11.62 -7.34 21.37
N ASN C 100 10.89 -6.46 22.07
CA ASN C 100 11.23 -6.16 23.45
C ASN C 100 11.19 -7.41 24.31
N CYS C 101 10.25 -8.32 24.03
CA CYS C 101 10.18 -9.56 24.78
C CYS C 101 11.29 -10.52 24.38
N TYR C 102 11.73 -10.49 23.13
CA TYR C 102 12.82 -11.34 22.68
C TYR C 102 14.18 -10.79 23.08
N ILE C 103 14.26 -9.53 23.44
CA ILE C 103 15.52 -8.92 23.87
C ILE C 103 15.73 -9.10 25.37
N TYR C 104 14.69 -8.83 26.17
CA TYR C 104 14.85 -8.86 27.61
C TYR C 104 14.85 -10.29 28.17
N ASN C 105 14.15 -11.22 27.54
CA ASN C 105 13.99 -12.56 28.07
C ASN C 105 14.81 -13.56 27.26
N LYS C 106 15.25 -14.60 27.95
CA LYS C 106 16.07 -15.64 27.33
C LYS C 106 15.24 -16.43 26.31
N PRO C 107 15.84 -16.86 25.20
CA PRO C 107 15.11 -17.71 24.26
C PRO C 107 14.67 -19.01 24.93
N GLY C 108 13.50 -19.50 24.51
CA GLY C 108 12.92 -20.68 25.11
C GLY C 108 12.19 -20.45 26.41
N ASP C 109 12.23 -19.24 26.95
CA ASP C 109 11.49 -18.93 28.16
C ASP C 109 9.99 -19.02 27.91
N ASP C 110 9.23 -19.14 29.01
CA ASP C 110 7.78 -19.22 28.92
C ASP C 110 7.19 -17.97 28.27
N ILE C 111 7.62 -16.80 28.74
CA ILE C 111 7.08 -15.53 28.22
C ILE C 111 7.45 -15.34 26.76
N VAL C 112 8.61 -15.83 26.33
CA VAL C 112 9.00 -15.73 24.93
C VAL C 112 8.11 -16.62 24.07
N LEU C 113 7.90 -17.87 24.50
CA LEU C 113 7.04 -18.78 23.76
C LEU C 113 5.63 -18.21 23.61
N MET C 114 5.14 -17.55 24.65
CA MET C 114 3.85 -16.88 24.55
C MET C 114 3.89 -15.74 23.55
N ALA C 115 5.01 -15.01 23.48
CA ALA C 115 5.14 -13.92 22.53
C ALA C 115 5.24 -14.44 21.10
N GLU C 116 5.89 -15.59 20.90
CA GLU C 116 5.98 -16.17 19.56
C GLU C 116 4.64 -16.66 19.07
N ALA C 117 3.78 -17.15 19.98
CA ALA C 117 2.45 -17.57 19.59
C ALA C 117 1.60 -16.39 19.15
N LEU C 118 1.77 -15.23 19.78
CA LEU C 118 1.04 -14.04 19.37
C LEU C 118 1.58 -13.48 18.07
N GLU C 119 2.90 -13.54 17.87
CA GLU C 119 3.48 -13.02 16.64
C GLU C 119 3.07 -13.85 15.43
N LYS C 120 2.95 -15.16 15.62
CA LYS C 120 2.53 -16.02 14.52
C LYS C 120 1.10 -15.70 14.08
N LEU C 121 0.18 -15.60 15.05
CA LEU C 121 -1.18 -15.21 14.72
C LEU C 121 -1.24 -13.79 14.17
N PHE C 122 -0.34 -12.93 14.63
CA PHE C 122 -0.30 -11.56 14.11
C PHE C 122 0.12 -11.53 12.65
N LEU C 123 1.13 -12.33 12.28
CA LEU C 123 1.60 -12.33 10.90
C LEU C 123 0.55 -12.90 9.94
N GLN C 124 -0.28 -13.82 10.41
CA GLN C 124 -1.38 -14.29 9.57
C GLN C 124 -2.39 -13.19 9.29
N LYS C 125 -2.61 -12.30 10.26
CA LYS C 125 -3.52 -11.18 10.05
C LYS C 125 -2.94 -10.15 9.09
N ILE C 126 -1.61 -10.06 9.03
CA ILE C 126 -0.97 -9.09 8.13
C ILE C 126 -1.02 -9.57 6.69
N ASN C 127 -0.98 -10.89 6.47
CA ASN C 127 -1.08 -11.42 5.11
C ASN C 127 -2.43 -11.09 4.48
N GLU C 128 -3.47 -10.98 5.30
CA GLU C 128 -4.82 -10.66 4.84
C GLU C 128 -5.16 -9.18 5.03
N LEU C 129 -4.16 -8.31 5.01
CA LEU C 129 -4.40 -6.88 5.15
C LEU C 129 -5.02 -6.33 3.87
N PRO C 130 -6.12 -5.59 3.95
CA PRO C 130 -6.73 -5.05 2.73
C PRO C 130 -5.83 -4.04 2.04
N THR C 131 -6.05 -3.88 0.74
CA THR C 131 -5.26 -2.95 -0.05
C THR C 131 -5.71 -1.51 0.20
N GLU C 132 -4.78 -0.58 0.01
CA GLU C 132 -5.04 0.83 0.25
C GLU C 132 -5.92 1.42 -0.86
N ASN D 26 15.16 -1.05 -10.74
CA ASN D 26 14.19 -0.26 -9.98
C ASN D 26 13.59 0.83 -10.85
N GLN D 27 13.59 0.60 -12.16
CA GLN D 27 12.97 1.54 -13.10
C GLN D 27 11.48 1.30 -13.26
N LEU D 28 11.00 0.09 -12.94
CA LEU D 28 9.56 -0.15 -12.94
C LEU D 28 8.88 0.43 -11.71
N GLN D 29 9.59 0.47 -10.58
CA GLN D 29 9.04 1.12 -9.39
C GLN D 29 9.04 2.64 -9.54
N TYR D 30 10.00 3.19 -10.29
CA TYR D 30 10.03 4.62 -10.54
C TYR D 30 8.80 5.08 -11.31
N LEU D 31 8.29 4.24 -12.21
CA LEU D 31 7.09 4.61 -12.97
C LEU D 31 5.86 4.63 -12.08
N LEU D 32 5.83 3.80 -11.03
CA LEU D 32 4.62 3.65 -10.23
C LEU D 32 4.31 4.91 -9.43
N ARG D 33 5.31 5.45 -8.74
CA ARG D 33 5.09 6.52 -7.77
C ARG D 33 5.61 7.88 -8.20
N VAL D 34 6.45 7.96 -9.23
CA VAL D 34 7.02 9.22 -9.70
C VAL D 34 6.41 9.65 -11.02
N VAL D 35 6.12 8.71 -11.91
CA VAL D 35 5.53 9.02 -13.22
C VAL D 35 4.03 8.86 -13.21
N LEU D 36 3.52 7.71 -12.75
CA LEU D 36 2.08 7.47 -12.76
C LEU D 36 1.35 8.44 -11.84
N LYS D 37 1.89 8.65 -10.63
CA LYS D 37 1.23 9.56 -9.69
C LYS D 37 1.34 11.01 -10.15
N THR D 38 2.36 11.35 -10.94
CA THR D 38 2.44 12.68 -11.51
C THR D 38 1.38 12.89 -12.58
N LEU D 39 1.12 11.85 -13.38
CA LEU D 39 0.09 11.95 -14.42
C LEU D 39 -1.31 11.85 -13.84
N TRP D 40 -1.49 11.05 -12.78
CA TRP D 40 -2.83 10.85 -12.21
C TRP D 40 -3.38 12.13 -11.60
N LYS D 41 -2.52 12.99 -11.06
CA LYS D 41 -2.94 14.22 -10.43
C LYS D 41 -2.92 15.41 -11.39
N HIS D 42 -2.79 15.16 -12.69
CA HIS D 42 -2.83 16.23 -13.67
C HIS D 42 -4.25 16.80 -13.78
N GLN D 43 -4.33 18.06 -14.19
CA GLN D 43 -5.63 18.73 -14.28
C GLN D 43 -6.52 18.11 -15.35
N PHE D 44 -5.93 17.52 -16.38
CA PHE D 44 -6.67 16.93 -17.49
C PHE D 44 -6.56 15.40 -17.48
N ALA D 45 -6.51 14.81 -16.29
CA ALA D 45 -6.31 13.37 -16.15
C ALA D 45 -7.59 12.59 -15.88
N TRP D 46 -8.69 13.27 -15.61
CA TRP D 46 -9.91 12.56 -15.23
C TRP D 46 -10.46 11.64 -16.32
N PRO D 47 -10.42 11.97 -17.62
CA PRO D 47 -10.97 11.04 -18.61
C PRO D 47 -10.07 9.86 -18.92
N PHE D 48 -8.85 9.83 -18.38
CA PHE D 48 -7.89 8.76 -18.66
C PHE D 48 -7.63 7.86 -17.45
N GLN D 49 -8.40 8.03 -16.38
CA GLN D 49 -8.20 7.25 -15.16
C GLN D 49 -8.94 5.92 -15.16
N GLN D 50 -9.85 5.70 -16.09
CA GLN D 50 -10.69 4.52 -16.12
C GLN D 50 -10.91 4.09 -17.56
N PRO D 51 -11.24 2.83 -17.80
CA PRO D 51 -11.53 2.39 -19.16
C PRO D 51 -12.74 3.12 -19.74
N VAL D 52 -12.70 3.32 -21.06
CA VAL D 52 -13.75 4.08 -21.73
C VAL D 52 -15.03 3.26 -21.77
N ASP D 53 -16.12 3.86 -21.30
CA ASP D 53 -17.46 3.26 -21.37
C ASP D 53 -18.17 3.91 -22.55
N ALA D 54 -17.99 3.31 -23.74
CA ALA D 54 -18.52 3.91 -24.96
C ALA D 54 -20.03 3.99 -24.96
N VAL D 55 -20.70 3.06 -24.28
CA VAL D 55 -22.16 3.09 -24.23
C VAL D 55 -22.64 4.24 -23.35
N LYS D 56 -21.96 4.46 -22.21
CA LYS D 56 -22.35 5.54 -21.32
C LYS D 56 -21.92 6.90 -21.87
N LEU D 57 -20.71 6.98 -22.42
CA LEU D 57 -20.21 8.22 -23.01
C LEU D 57 -20.83 8.52 -24.37
N ASN D 58 -21.64 7.61 -24.91
CA ASN D 58 -22.31 7.79 -26.20
C ASN D 58 -21.29 8.00 -27.31
N LEU D 59 -20.35 7.06 -27.42
CA LEU D 59 -19.39 7.05 -28.52
C LEU D 59 -19.75 5.89 -29.45
N PRO D 60 -20.24 6.16 -30.66
CA PRO D 60 -20.82 5.09 -31.49
C PRO D 60 -19.81 4.03 -31.92
N ASP D 61 -18.75 4.44 -32.62
CA ASP D 61 -17.82 3.51 -33.23
C ASP D 61 -16.53 3.36 -32.44
N TYR D 62 -16.56 3.62 -31.13
CA TYR D 62 -15.33 3.54 -30.35
C TYR D 62 -14.81 2.11 -30.28
N TYR D 63 -15.67 1.16 -29.91
CA TYR D 63 -15.26 -0.23 -29.88
C TYR D 63 -14.96 -0.76 -31.28
N LYS D 64 -15.57 -0.17 -32.31
CA LYS D 64 -15.32 -0.58 -33.68
C LYS D 64 -14.03 0.00 -34.24
N ILE D 65 -13.49 1.05 -33.63
CA ILE D 65 -12.28 1.71 -34.09
C ILE D 65 -11.10 1.41 -33.17
N ILE D 66 -11.29 1.55 -31.85
CA ILE D 66 -10.23 1.30 -30.88
C ILE D 66 -10.12 -0.20 -30.69
N LYS D 67 -8.99 -0.78 -31.11
CA LYS D 67 -8.79 -2.21 -31.02
C LYS D 67 -8.32 -2.64 -29.63
N THR D 68 -7.38 -1.89 -29.05
CA THR D 68 -6.81 -2.21 -27.73
C THR D 68 -7.00 -1.01 -26.82
N PRO D 69 -8.12 -0.94 -26.09
CA PRO D 69 -8.31 0.16 -25.14
C PRO D 69 -7.28 0.10 -24.01
N MET D 70 -6.92 1.27 -23.50
CA MET D 70 -5.94 1.38 -22.44
C MET D 70 -6.18 2.66 -21.66
N ASP D 71 -6.06 2.57 -20.34
CA ASP D 71 -6.25 3.71 -19.45
C ASP D 71 -5.20 3.65 -18.34
N MET D 72 -5.24 4.64 -17.44
CA MET D 72 -4.31 4.66 -16.33
C MET D 72 -4.76 3.75 -15.18
N GLY D 73 -6.07 3.53 -15.06
CA GLY D 73 -6.55 2.62 -14.02
C GLY D 73 -6.04 1.20 -14.22
N THR D 74 -6.00 0.75 -15.47
CA THR D 74 -5.46 -0.58 -15.76
C THR D 74 -3.94 -0.59 -15.70
N ILE D 75 -3.28 0.51 -16.07
CA ILE D 75 -1.84 0.59 -15.94
C ILE D 75 -1.43 0.61 -14.47
N LYS D 76 -2.18 1.34 -13.64
CA LYS D 76 -1.91 1.35 -12.21
C LYS D 76 -2.12 -0.05 -11.61
N LYS D 77 -3.17 -0.74 -12.04
CA LYS D 77 -3.42 -2.10 -11.58
C LYS D 77 -2.32 -3.06 -12.01
N ARG D 78 -1.62 -2.74 -13.11
CA ARG D 78 -0.55 -3.62 -13.59
C ARG D 78 0.78 -3.33 -12.91
N LEU D 79 1.06 -2.06 -12.59
CA LEU D 79 2.28 -1.73 -11.87
C LEU D 79 2.21 -2.19 -10.42
N GLU D 80 1.02 -2.28 -9.86
CA GLU D 80 0.83 -2.71 -8.48
C GLU D 80 0.66 -4.22 -8.34
N ASN D 81 0.41 -4.93 -9.43
CA ASN D 81 0.31 -6.38 -9.41
C ASN D 81 1.43 -7.06 -10.18
N ASN D 82 2.44 -6.30 -10.59
CA ASN D 82 3.63 -6.83 -11.27
C ASN D 82 3.25 -7.60 -12.54
N TYR D 83 2.60 -6.88 -13.45
CA TYR D 83 2.17 -7.46 -14.73
C TYR D 83 3.22 -7.29 -15.82
N TYR D 84 3.98 -6.21 -15.79
CA TYR D 84 4.97 -5.95 -16.84
C TYR D 84 6.24 -6.76 -16.60
N TRP D 85 7.02 -6.91 -17.67
CA TRP D 85 8.30 -7.59 -17.62
C TRP D 85 9.50 -6.65 -17.68
N ASN D 86 9.29 -5.41 -18.14
CA ASN D 86 10.35 -4.42 -18.17
C ASN D 86 9.70 -3.04 -18.21
N ALA D 87 10.53 -2.00 -18.20
CA ALA D 87 10.02 -0.64 -18.21
C ALA D 87 9.46 -0.25 -19.58
N GLN D 88 9.95 -0.88 -20.64
CA GLN D 88 9.51 -0.51 -21.99
C GLN D 88 8.07 -0.94 -22.24
N GLU D 89 7.63 -2.04 -21.64
CA GLU D 89 6.26 -2.50 -21.83
C GLU D 89 5.25 -1.61 -21.11
N CYS D 90 5.66 -0.99 -20.00
CA CYS D 90 4.78 -0.04 -19.33
C CYS D 90 4.69 1.26 -20.11
N ILE D 91 5.81 1.72 -20.66
CA ILE D 91 5.80 2.87 -21.56
C ILE D 91 4.98 2.56 -22.80
N GLN D 92 5.01 1.30 -23.25
CA GLN D 92 4.22 0.90 -24.41
C GLN D 92 2.72 1.03 -24.16
N ASP D 93 2.29 0.78 -22.93
CA ASP D 93 0.86 0.90 -22.61
C ASP D 93 0.44 2.37 -22.54
N PHE D 94 1.31 3.24 -22.01
CA PHE D 94 0.99 4.66 -21.98
C PHE D 94 0.83 5.22 -23.38
N ASN D 95 1.74 4.86 -24.30
CA ASN D 95 1.61 5.31 -25.68
C ASN D 95 0.35 4.74 -26.34
N THR D 96 -0.08 3.55 -25.92
CA THR D 96 -1.34 3.01 -26.43
C THR D 96 -2.52 3.86 -25.99
N MET D 97 -2.52 4.31 -24.73
CA MET D 97 -3.59 5.17 -24.24
C MET D 97 -3.62 6.49 -24.99
N PHE D 98 -2.45 7.07 -25.28
CA PHE D 98 -2.39 8.33 -25.99
C PHE D 98 -2.79 8.18 -27.45
N THR D 99 -2.29 7.12 -28.11
CA THR D 99 -2.61 6.92 -29.52
C THR D 99 -4.09 6.61 -29.72
N ASN D 100 -4.72 5.94 -28.75
CA ASN D 100 -6.16 5.70 -28.84
C ASN D 100 -6.94 7.00 -28.89
N CYS D 101 -6.46 8.03 -28.19
CA CYS D 101 -7.15 9.31 -28.20
C CYS D 101 -6.88 10.08 -29.48
N TYR D 102 -5.68 9.96 -30.04
CA TYR D 102 -5.37 10.63 -31.29
C TYR D 102 -6.02 9.95 -32.48
N ILE D 103 -6.32 8.67 -32.38
CA ILE D 103 -6.93 7.94 -33.49
C ILE D 103 -8.43 8.23 -33.56
N TYR D 104 -9.12 8.20 -32.41
CA TYR D 104 -10.57 8.31 -32.42
C TYR D 104 -11.03 9.75 -32.64
N ASN D 105 -10.45 10.70 -31.92
CA ASN D 105 -10.91 12.08 -31.94
C ASN D 105 -10.11 12.92 -32.93
N LYS D 106 -10.75 13.97 -33.42
CA LYS D 106 -10.12 14.84 -34.41
C LYS D 106 -9.00 15.65 -33.76
N PRO D 107 -7.97 16.01 -34.52
CA PRO D 107 -6.91 16.87 -33.98
C PRO D 107 -7.46 18.25 -33.65
N GLY D 108 -6.97 18.81 -32.54
CA GLY D 108 -7.45 20.09 -32.06
C GLY D 108 -8.64 20.03 -31.12
N ASP D 109 -9.27 18.87 -30.99
CA ASP D 109 -10.37 18.72 -30.03
C ASP D 109 -9.86 18.92 -28.61
N ASP D 110 -10.80 19.15 -27.69
CA ASP D 110 -10.44 19.37 -26.29
C ASP D 110 -9.80 18.12 -25.68
N ILE D 111 -10.40 16.95 -25.94
CA ILE D 111 -9.86 15.71 -25.37
C ILE D 111 -8.48 15.41 -25.93
N VAL D 112 -8.21 15.82 -27.18
CA VAL D 112 -6.89 15.58 -27.77
C VAL D 112 -5.85 16.50 -27.12
N LEU D 113 -6.20 17.77 -26.93
CA LEU D 113 -5.30 18.69 -26.25
C LEU D 113 -5.00 18.23 -24.84
N MET D 114 -5.94 17.55 -24.19
CA MET D 114 -5.69 16.99 -22.87
C MET D 114 -4.77 15.79 -22.95
N ALA D 115 -4.96 14.94 -23.96
CA ALA D 115 -4.05 13.80 -24.15
C ALA D 115 -2.65 14.26 -24.51
N GLU D 116 -2.54 15.34 -25.29
CA GLU D 116 -1.23 15.88 -25.62
C GLU D 116 -0.55 16.49 -24.40
N ALA D 117 -1.32 17.09 -23.50
CA ALA D 117 -0.74 17.67 -22.29
C ALA D 117 -0.16 16.60 -21.38
N LEU D 118 -0.85 15.46 -21.27
CA LEU D 118 -0.35 14.37 -20.43
C LEU D 118 0.80 13.62 -21.09
N GLU D 119 0.81 13.54 -22.42
CA GLU D 119 1.92 12.89 -23.11
C GLU D 119 3.19 13.74 -23.04
N LYS D 120 3.04 15.06 -23.20
CA LYS D 120 4.20 15.94 -23.12
C LYS D 120 4.78 15.97 -21.72
N LEU D 121 3.95 15.84 -20.69
CA LEU D 121 4.45 15.72 -19.33
C LEU D 121 5.07 14.35 -19.10
N PHE D 122 4.43 13.29 -19.60
CA PHE D 122 4.93 11.94 -19.42
C PHE D 122 6.26 11.72 -20.14
N LEU D 123 6.42 12.33 -21.32
CA LEU D 123 7.65 12.16 -22.08
C LEU D 123 8.85 12.70 -21.32
N GLN D 124 8.76 13.94 -20.82
CA GLN D 124 9.86 14.53 -20.08
C GLN D 124 10.12 13.82 -18.75
N LYS D 125 9.14 13.07 -18.25
CA LYS D 125 9.39 12.24 -17.07
C LYS D 125 10.14 10.96 -17.43
N ILE D 126 9.95 10.46 -18.65
CA ILE D 126 10.72 9.31 -19.10
C ILE D 126 12.15 9.71 -19.43
N ASN D 127 12.35 10.97 -19.84
CA ASN D 127 13.71 11.48 -20.01
C ASN D 127 14.47 11.50 -18.69
N GLU D 128 13.76 11.41 -17.56
CA GLU D 128 14.37 11.32 -16.24
C GLU D 128 14.33 9.90 -15.70
N LEU D 129 14.21 8.90 -16.56
CA LEU D 129 14.14 7.52 -16.12
C LEU D 129 15.50 7.08 -15.59
N PRO D 130 15.57 6.50 -14.38
CA PRO D 130 16.85 6.01 -13.88
C PRO D 130 17.34 4.82 -14.69
N THR D 131 18.66 4.61 -14.62
CA THR D 131 19.26 3.48 -15.30
C THR D 131 18.92 2.18 -14.57
N GLU D 132 19.14 1.06 -15.26
CA GLU D 132 18.82 -0.25 -14.71
C GLU D 132 19.81 -0.66 -13.62
C ACE E 1 -21.06 -29.47 -13.36
O ACE E 1 -20.65 -29.30 -12.22
CH3 ACE E 1 -21.37 -28.34 -14.29
N TRP E 2 -21.28 -30.69 -13.85
CA TRP E 2 -21.04 -31.89 -13.05
C TRP E 2 -20.19 -32.89 -13.83
N LYS E 3 -19.14 -33.40 -13.20
CA LYS E 3 -18.25 -34.37 -13.81
C LYS E 3 -18.26 -35.67 -13.03
N THR E 4 -18.20 -36.78 -13.76
CA THR E 4 -18.19 -38.11 -13.17
C THR E 4 -17.01 -38.89 -13.71
N ILE E 5 -16.17 -39.39 -12.81
CA ILE E 5 -15.06 -40.26 -13.20
C ILE E 5 -15.10 -41.50 -12.34
OH ALY E 6 -11.12 -47.48 -17.09
CH ALY E 6 -10.91 -47.36 -15.86
CH3 ALY E 6 -9.66 -47.91 -15.21
NZ ALY E 6 -11.80 -46.70 -15.04
CE ALY E 6 -13.04 -46.12 -15.49
CD ALY E 6 -13.59 -45.05 -14.54
CG ALY E 6 -13.47 -45.54 -13.12
CB ALY E 6 -13.82 -44.44 -12.14
CA ALY E 6 -15.26 -43.94 -12.32
N ALY E 6 -15.35 -42.65 -12.95
C ALY E 6 -15.91 -44.02 -10.94
O ALY E 6 -15.38 -44.56 -9.96
N GLY E 7 -17.10 -43.44 -10.84
CA GLY E 7 -17.90 -43.53 -9.63
C GLY E 7 -17.80 -42.36 -8.66
N ALA E 8 -17.03 -41.34 -9.01
CA ALA E 8 -16.89 -40.15 -8.20
C ALA E 8 -17.39 -38.94 -8.97
N THR E 9 -18.25 -38.15 -8.35
CA THR E 9 -18.86 -36.99 -8.97
C THR E 9 -18.55 -35.74 -8.17
N TRP E 10 -18.51 -34.60 -8.87
CA TRP E 10 -18.23 -33.32 -8.23
C TRP E 10 -18.69 -32.20 -9.15
N ARG E 11 -18.75 -30.99 -8.59
CA ARG E 11 -19.19 -29.82 -9.31
C ARG E 11 -18.00 -29.15 -9.99
N THR E 12 -18.13 -28.86 -11.28
CA THR E 12 -17.07 -28.20 -12.03
C THR E 12 -17.22 -26.69 -11.94
OH ALY E 13 -9.74 -25.29 -13.08
CH ALY E 13 -9.36 -24.15 -12.74
CH3 ALY E 13 -8.02 -23.61 -13.14
NZ ALY E 13 -10.18 -23.32 -11.99
CE ALY E 13 -11.49 -23.68 -11.53
CD ALY E 13 -12.57 -23.58 -12.61
CG ALY E 13 -13.90 -24.02 -12.04
CB ALY E 13 -15.01 -23.88 -13.05
CA ALY E 13 -16.31 -24.53 -12.54
N ALY E 13 -16.31 -25.97 -12.59
C ALY E 13 -17.45 -23.95 -13.37
O ALY E 13 -17.94 -22.84 -13.19
N GLN E 14 -17.88 -24.76 -14.34
CA GLN E 14 -18.96 -24.37 -15.24
C GLN E 14 -20.27 -24.25 -14.48
N CYS E 15 -20.49 -25.13 -13.52
CA CYS E 15 -21.69 -25.09 -12.69
C CYS E 15 -21.41 -24.32 -11.39
N NH2 E 16 -22.33 -24.66 -10.36
C ACE F 1 2.80 30.60 33.64
O ACE F 1 1.75 30.45 33.02
CH3 ACE F 1 3.61 29.44 34.13
N TRP F 2 3.30 31.80 33.92
CA TRP F 2 2.61 33.03 33.49
C TRP F 2 3.46 33.80 32.49
N LYS F 3 2.82 34.20 31.38
CA LYS F 3 3.47 34.99 30.35
C LYS F 3 2.74 36.32 30.19
N THR F 4 3.50 37.36 29.90
CA THR F 4 2.97 38.72 29.77
C THR F 4 3.47 39.33 28.48
N ILE F 5 2.55 39.93 27.72
CA ILE F 5 2.91 40.65 26.50
C ILE F 5 2.20 41.99 26.46
OH ALY F 6 6.95 47.45 21.78
CH ALY F 6 5.71 47.37 21.66
CH3 ALY F 6 5.00 47.85 20.42
NZ ALY F 6 4.92 46.83 22.67
CE ALY F 6 5.45 46.33 23.90
CD ALY F 6 4.38 45.97 24.94
CG ALY F 6 3.43 44.94 24.37
CB ALY F 6 2.16 44.84 25.20
CA ALY F 6 2.48 44.43 26.64
N ALY F 6 2.95 43.06 26.76
C ALY F 6 1.23 44.71 27.46
O ALY F 6 0.32 45.46 27.07
N GLY F 7 1.17 44.09 28.63
CA GLY F 7 0.09 44.36 29.56
C GLY F 7 -1.00 43.30 29.67
N ALA F 8 -0.86 42.23 28.89
CA ALA F 8 -1.81 41.13 28.90
C ALA F 8 -1.12 39.88 29.41
N THR F 9 -1.67 39.27 30.46
CA THR F 9 -1.08 38.10 31.09
C THR F 9 -2.02 36.91 30.96
N TRP F 10 -1.44 35.72 30.86
CA TRP F 10 -2.21 34.49 30.77
C TRP F 10 -1.32 33.33 31.24
N ARG F 11 -1.96 32.18 31.44
CA ARG F 11 -1.28 31.00 31.94
C ARG F 11 -0.78 30.14 30.78
N THR F 12 0.46 29.68 30.90
CA THR F 12 1.05 28.80 29.90
C THR F 12 0.75 27.34 30.22
OH ALY F 13 0.82 25.54 22.20
CH ALY F 13 0.53 24.33 22.24
CH3 ALY F 13 0.68 23.44 21.03
NZ ALY F 13 0.08 23.74 23.40
CE ALY F 13 -0.12 24.46 24.64
CD ALY F 13 0.59 23.83 25.84
CG ALY F 13 0.47 24.76 27.03
CB ALY F 13 1.14 24.17 28.25
CA ALY F 13 0.89 25.03 29.50
N ALY F 13 1.13 26.44 29.32
C ALY F 13 1.77 24.46 30.61
O ALY F 13 1.49 23.48 31.28
N GLN F 14 2.91 25.14 30.79
CA GLN F 14 3.88 24.77 31.81
C GLN F 14 3.27 24.88 33.21
N CYS F 15 2.70 26.04 33.50
CA CYS F 15 2.03 26.25 34.78
C CYS F 15 0.61 25.70 34.74
N NH2 F 16 0.07 24.97 33.63
#